data_7RNB
#
_entry.id   7RNB
#
_cell.length_a   129.825
_cell.length_b   129.825
_cell.length_c   60.415
_cell.angle_alpha   90.000
_cell.angle_beta   90.000
_cell.angle_gamma   120.000
#
_symmetry.space_group_name_H-M   'P 63'
#
loop_
_entity.id
_entity.type
_entity.pdbx_description
1 polymer 'Caspase-3 subunit p17'
2 polymer 'Caspase-3 subunit p12'
3 polymer Ac-VDRVD-CHO
4 water water
#
loop_
_entity_poly.entity_id
_entity_poly.type
_entity_poly.pdbx_seq_one_letter_code
_entity_poly.pdbx_strand_id
1 'polypeptide(L)'
;DNSYKMDYPEMGLCIIINNKNFHKSTGMTSRSGTDVDAANLRETFRNLKYEVRNKNDLTREEIVELMRDVSKEDHSKRSS
FVCVLLSHGEEGIIFGTNGPVDLKKITNFFRGDRCRSLTGKPKLFIIQACRGTELDCGIET
;
A,C
2 'polypeptide(L)'
;CHKIPVEADFLYAYSTAPGYYSWRNSKDGSWFIQSLCAMLKQYADKLEFMHILTRVNRKVATEFESFSFDATFHAKKQIP
CIVSMLTKELYFYHH
;
B,D
3 'polypeptide(L)' (ACE)VDRV(ASA) F,G
#
loop_
_chem_comp.id
_chem_comp.type
_chem_comp.name
_chem_comp.formula
ACE non-polymer 'ACETYL GROUP' 'C2 H4 O'
#
# COMPACT_ATOMS: atom_id res chain seq x y z
N ASP A 1 6.24 -2.67 22.51
CA ASP A 1 6.58 -1.47 21.75
C ASP A 1 6.69 -1.76 20.25
N ASN A 2 6.92 -3.03 19.91
CA ASN A 2 6.93 -3.45 18.50
C ASN A 2 5.57 -3.91 18.00
N SER A 3 4.64 -4.23 18.90
CA SER A 3 3.33 -4.76 18.56
C SER A 3 2.25 -3.88 19.18
N TYR A 4 1.16 -3.66 18.45
CA TYR A 4 0.03 -2.96 19.02
C TYR A 4 -0.50 -3.71 20.24
N LYS A 5 -0.92 -2.94 21.24
CA LYS A 5 -1.60 -3.49 22.41
C LYS A 5 -2.99 -3.96 21.99
N MET A 6 -3.23 -5.27 22.08
CA MET A 6 -4.51 -5.86 21.69
C MET A 6 -5.19 -6.58 22.85
N ASP A 7 -4.87 -6.21 24.08
CA ASP A 7 -5.52 -6.77 25.25
C ASP A 7 -6.35 -5.74 26.00
N TYR A 8 -6.86 -4.73 25.29
CA TYR A 8 -7.95 -3.93 25.83
C TYR A 8 -9.15 -4.85 26.09
N PRO A 9 -10.12 -4.39 26.88
CA PRO A 9 -11.29 -5.25 27.15
C PRO A 9 -12.03 -5.73 25.91
N GLU A 10 -12.04 -4.96 24.82
CA GLU A 10 -12.70 -5.35 23.58
C GLU A 10 -11.73 -5.25 22.42
N MET A 11 -11.80 -6.22 21.49
CA MET A 11 -11.02 -6.09 20.24
C MET A 11 -11.42 -4.85 19.46
N GLY A 12 -12.71 -4.53 19.41
CA GLY A 12 -13.21 -3.37 18.72
C GLY A 12 -14.36 -3.70 17.80
N LEU A 13 -14.81 -2.68 17.08
CA LEU A 13 -15.89 -2.83 16.12
C LEU A 13 -15.39 -3.36 14.79
N CYS A 14 -16.26 -4.12 14.12
CA CYS A 14 -16.14 -4.47 12.71
C CYS A 14 -17.40 -4.03 11.99
N ILE A 15 -17.33 -2.89 11.31
CA ILE A 15 -18.45 -2.34 10.56
C ILE A 15 -18.37 -2.92 9.14
N ILE A 16 -19.44 -3.59 8.71
CA ILE A 16 -19.49 -4.15 7.36
C ILE A 16 -20.60 -3.45 6.59
N ILE A 17 -20.21 -2.73 5.55
N ILE A 17 -20.23 -2.73 5.54
CA ILE A 17 -21.12 -2.07 4.63
CA ILE A 17 -21.20 -2.06 4.68
C ILE A 17 -21.28 -2.99 3.42
C ILE A 17 -21.33 -2.87 3.39
N ASN A 18 -22.47 -3.51 3.21
CA ASN A 18 -22.73 -4.46 2.14
C ASN A 18 -23.74 -3.88 1.17
N ASN A 19 -23.25 -3.29 0.07
CA ASN A 19 -24.10 -2.69 -0.94
C ASN A 19 -24.28 -3.64 -2.12
N LYS A 20 -25.50 -4.16 -2.28
CA LYS A 20 -25.79 -5.11 -3.34
C LYS A 20 -26.65 -4.54 -4.45
N ASN A 21 -27.65 -3.73 -4.10
CA ASN A 21 -28.64 -3.23 -5.05
C ASN A 21 -28.51 -1.73 -5.17
N PHE A 22 -28.40 -1.25 -6.41
CA PHE A 22 -28.13 0.16 -6.66
C PHE A 22 -29.28 0.81 -7.39
N HIS A 23 -29.47 2.11 -7.12
CA HIS A 23 -30.53 2.88 -7.77
C HIS A 23 -30.38 2.83 -9.28
N LYS A 24 -31.52 2.85 -9.99
CA LYS A 24 -31.49 2.85 -11.44
C LYS A 24 -30.58 3.94 -12.01
N SER A 25 -30.61 5.12 -11.38
CA SER A 25 -29.88 6.27 -11.89
C SER A 25 -28.37 6.06 -11.95
N THR A 26 -27.83 5.15 -11.13
CA THR A 26 -26.39 4.92 -11.16
C THR A 26 -25.95 4.05 -12.33
N GLY A 27 -26.87 3.31 -12.93
CA GLY A 27 -26.52 2.34 -13.97
C GLY A 27 -25.68 1.18 -13.49
N MET A 28 -25.57 0.98 -12.17
CA MET A 28 -24.67 -0.01 -11.60
C MET A 28 -25.36 -1.36 -11.50
N THR A 29 -24.61 -2.43 -11.81
CA THR A 29 -25.15 -3.79 -11.74
C THR A 29 -25.38 -4.22 -10.29
N SER A 30 -26.35 -5.10 -10.10
CA SER A 30 -26.53 -5.76 -8.81
C SER A 30 -25.36 -6.71 -8.53
N ARG A 31 -24.89 -6.72 -7.27
CA ARG A 31 -23.62 -7.38 -6.94
C ARG A 31 -23.85 -8.78 -6.35
N SER A 32 -24.40 -9.67 -7.20
CA SER A 32 -24.59 -11.07 -6.82
C SER A 32 -23.32 -11.66 -6.22
N GLY A 33 -23.48 -12.31 -5.07
CA GLY A 33 -22.37 -12.89 -4.35
C GLY A 33 -21.91 -12.09 -3.16
N THR A 34 -22.28 -10.81 -3.08
CA THR A 34 -21.79 -10.00 -1.96
C THR A 34 -22.40 -10.43 -0.64
N ASP A 35 -23.59 -11.04 -0.65
CA ASP A 35 -24.14 -11.53 0.61
C ASP A 35 -23.32 -12.70 1.14
N VAL A 36 -22.76 -13.51 0.25
CA VAL A 36 -21.84 -14.57 0.69
C VAL A 36 -20.63 -13.96 1.39
N ASP A 37 -20.08 -12.89 0.81
CA ASP A 37 -18.95 -12.18 1.43
C ASP A 37 -19.33 -11.65 2.81
N ALA A 38 -20.45 -10.95 2.91
CA ALA A 38 -20.85 -10.34 4.18
C ALA A 38 -21.02 -11.41 5.26
N ALA A 39 -21.61 -12.56 4.91
CA ALA A 39 -21.78 -13.60 5.90
C ALA A 39 -20.45 -14.21 6.31
N ASN A 40 -19.57 -14.42 5.33
CA ASN A 40 -18.24 -14.95 5.60
C ASN A 40 -17.47 -14.02 6.53
N LEU A 41 -17.54 -12.70 6.27
CA LEU A 41 -16.83 -11.73 7.10
C LEU A 41 -17.42 -11.68 8.50
N ARG A 42 -18.75 -11.75 8.61
CA ARG A 42 -19.40 -11.76 9.92
C ARG A 42 -18.88 -12.91 10.78
N GLU A 43 -18.82 -14.12 10.22
CA GLU A 43 -18.36 -15.26 10.99
C GLU A 43 -16.88 -15.16 11.31
N THR A 44 -16.08 -14.71 10.35
CA THR A 44 -14.64 -14.61 10.54
C THR A 44 -14.30 -13.63 11.66
N PHE A 45 -14.90 -12.44 11.62
CA PHE A 45 -14.59 -11.46 12.65
C PHE A 45 -15.29 -11.76 13.98
N ARG A 46 -16.37 -12.54 13.96
CA ARG A 46 -16.93 -13.05 15.20
C ARG A 46 -15.91 -13.93 15.92
N ASN A 47 -15.25 -14.83 15.18
CA ASN A 47 -14.26 -15.71 15.77
C ASN A 47 -13.05 -14.95 16.29
N LEU A 48 -12.79 -13.76 15.75
CA LEU A 48 -11.74 -12.90 16.26
C LEU A 48 -12.21 -11.99 17.39
N LYS A 49 -13.48 -12.14 17.81
CA LYS A 49 -14.06 -11.41 18.95
C LYS A 49 -14.28 -9.93 18.64
N TYR A 50 -14.55 -9.58 17.38
CA TYR A 50 -14.98 -8.22 17.05
C TYR A 50 -16.49 -8.10 17.18
N GLU A 51 -16.92 -6.92 17.61
CA GLU A 51 -18.35 -6.54 17.62
C GLU A 51 -18.75 -6.17 16.20
N VAL A 52 -19.35 -7.13 15.48
CA VAL A 52 -19.68 -6.95 14.07
C VAL A 52 -21.03 -6.25 13.95
N ARG A 53 -21.09 -5.22 13.11
CA ARG A 53 -22.34 -4.55 12.77
C ARG A 53 -22.49 -4.58 11.25
N ASN A 54 -23.43 -5.39 10.74
CA ASN A 54 -23.72 -5.47 9.31
C ASN A 54 -24.75 -4.45 8.90
N LYS A 55 -24.42 -3.65 7.88
CA LYS A 55 -25.32 -2.71 7.25
C LYS A 55 -25.46 -3.06 5.78
N ASN A 56 -26.67 -2.97 5.26
CA ASN A 56 -26.96 -3.35 3.89
C ASN A 56 -27.61 -2.21 3.12
N ASP A 57 -27.15 -2.03 1.88
CA ASP A 57 -27.76 -1.11 0.91
C ASP A 57 -27.94 0.29 1.49
N LEU A 58 -26.80 0.92 1.77
CA LEU A 58 -26.76 2.28 2.30
C LEU A 58 -26.50 3.29 1.20
N THR A 59 -27.24 4.40 1.24
CA THR A 59 -26.93 5.49 0.33
C THR A 59 -25.59 6.12 0.74
N ARG A 60 -25.03 6.97 -0.12
CA ARG A 60 -23.78 7.61 0.27
C ARG A 60 -23.98 8.50 1.49
N GLU A 61 -25.12 9.19 1.58
CA GLU A 61 -25.41 9.97 2.79
C GLU A 61 -25.51 9.09 4.03
N GLU A 62 -26.08 7.87 3.89
CA GLU A 62 -26.16 6.99 5.04
C GLU A 62 -24.78 6.44 5.40
N ILE A 63 -23.92 6.19 4.41
CA ILE A 63 -22.54 5.76 4.72
C ILE A 63 -21.83 6.82 5.53
N VAL A 64 -21.89 8.08 5.07
CA VAL A 64 -21.18 9.16 5.75
C VAL A 64 -21.71 9.35 7.17
N GLU A 65 -23.04 9.32 7.33
CA GLU A 65 -23.63 9.49 8.65
C GLU A 65 -23.23 8.35 9.59
N LEU A 66 -23.20 7.12 9.08
CA LEU A 66 -22.77 5.98 9.88
C LEU A 66 -21.33 6.15 10.34
N MET A 67 -20.41 6.43 9.40
CA MET A 67 -19.01 6.62 9.75
C MET A 67 -18.81 7.77 10.72
N ARG A 68 -19.53 8.87 10.52
CA ARG A 68 -19.43 9.99 11.46
C ARG A 68 -19.85 9.55 12.85
N ASP A 69 -20.98 8.85 12.94
CA ASP A 69 -21.50 8.42 14.23
C ASP A 69 -20.56 7.42 14.90
N VAL A 70 -20.05 6.44 14.13
CA VAL A 70 -19.13 5.47 14.70
C VAL A 70 -17.86 6.17 15.20
N SER A 71 -17.41 7.19 14.48
CA SER A 71 -16.20 7.88 14.91
C SER A 71 -16.43 8.72 16.15
N LYS A 72 -17.67 9.02 16.48
CA LYS A 72 -18.00 9.76 17.69
C LYS A 72 -18.21 8.86 18.91
N GLU A 73 -18.19 7.54 18.73
CA GLU A 73 -18.28 6.61 19.85
C GLU A 73 -17.01 6.68 20.68
N ASP A 74 -17.14 6.24 21.93
CA ASP A 74 -15.99 6.15 22.83
C ASP A 74 -15.32 4.80 22.60
N HIS A 75 -14.20 4.81 21.88
CA HIS A 75 -13.45 3.59 21.61
C HIS A 75 -12.37 3.33 22.66
N SER A 76 -12.45 3.97 23.83
CA SER A 76 -11.36 3.88 24.80
C SER A 76 -11.07 2.45 25.21
N LYS A 77 -12.09 1.60 25.31
CA LYS A 77 -11.87 0.25 25.81
C LYS A 77 -11.63 -0.74 24.69
N ARG A 78 -11.44 -0.26 23.47
CA ARG A 78 -11.31 -1.10 22.29
C ARG A 78 -9.90 -1.06 21.75
N SER A 79 -9.43 -2.20 21.25
CA SER A 79 -8.03 -2.30 20.80
C SER A 79 -7.83 -1.71 19.42
N SER A 80 -8.85 -1.75 18.57
CA SER A 80 -8.67 -1.53 17.14
C SER A 80 -10.02 -1.17 16.54
N PHE A 81 -10.01 -0.89 15.24
CA PHE A 81 -11.23 -0.60 14.51
C PHE A 81 -11.11 -1.23 13.13
N VAL A 82 -12.19 -1.88 12.68
CA VAL A 82 -12.24 -2.50 11.37
C VAL A 82 -13.47 -2.02 10.62
N CYS A 83 -13.29 -1.59 9.38
CA CYS A 83 -14.42 -1.26 8.51
C CYS A 83 -14.25 -1.99 7.19
N VAL A 84 -15.29 -2.74 6.78
CA VAL A 84 -15.28 -3.47 5.50
C VAL A 84 -16.29 -2.79 4.57
N LEU A 85 -15.84 -2.43 3.38
CA LEU A 85 -16.70 -1.82 2.37
C LEU A 85 -16.81 -2.79 1.19
N LEU A 86 -18.05 -3.19 0.87
CA LEU A 86 -18.33 -4.09 -0.26
C LEU A 86 -19.24 -3.34 -1.22
N SER A 87 -18.73 -2.93 -2.37
CA SER A 87 -19.56 -2.14 -3.28
C SER A 87 -18.88 -2.01 -4.64
N HIS A 88 -19.54 -1.29 -5.54
CA HIS A 88 -18.85 -0.80 -6.73
C HIS A 88 -17.89 0.31 -6.32
N GLY A 89 -16.93 0.59 -7.20
CA GLY A 89 -15.98 1.64 -6.90
C GLY A 89 -15.22 2.09 -8.12
N GLU A 90 -14.49 3.20 -7.96
CA GLU A 90 -13.48 3.69 -8.89
C GLU A 90 -12.25 4.04 -8.07
N GLU A 91 -11.18 4.49 -8.71
CA GLU A 91 -9.98 4.78 -7.90
C GLU A 91 -10.33 5.86 -6.88
N GLY A 92 -10.13 5.56 -5.58
CA GLY A 92 -10.42 6.50 -4.50
C GLY A 92 -11.88 6.67 -4.12
N ILE A 93 -12.77 5.85 -4.68
CA ILE A 93 -14.21 6.08 -4.60
C ILE A 93 -14.92 4.76 -4.26
N ILE A 94 -15.93 4.84 -3.39
CA ILE A 94 -16.83 3.74 -3.07
C ILE A 94 -18.25 4.20 -3.40
N PHE A 95 -19.11 3.28 -3.84
CA PHE A 95 -20.47 3.65 -4.22
C PHE A 95 -21.44 3.41 -3.08
N GLY A 96 -22.17 4.45 -2.69
CA GLY A 96 -23.44 4.23 -2.05
C GLY A 96 -24.43 3.72 -3.08
N THR A 97 -25.61 3.32 -2.60
CA THR A 97 -26.61 2.81 -3.52
C THR A 97 -27.02 3.87 -4.54
N ASN A 98 -26.87 5.16 -4.21
CA ASN A 98 -27.31 6.25 -5.08
C ASN A 98 -26.16 7.05 -5.68
N GLY A 99 -24.92 6.61 -5.53
CA GLY A 99 -23.83 7.32 -6.15
C GLY A 99 -22.53 7.27 -5.37
N PRO A 100 -21.50 7.86 -5.95
CA PRO A 100 -20.14 7.71 -5.41
C PRO A 100 -19.86 8.64 -4.23
N VAL A 101 -18.98 8.19 -3.34
CA VAL A 101 -18.41 9.04 -2.31
C VAL A 101 -16.91 8.75 -2.21
N ASP A 102 -16.12 9.79 -1.98
CA ASP A 102 -14.67 9.62 -1.84
C ASP A 102 -14.36 8.79 -0.61
N LEU A 103 -13.47 7.80 -0.78
CA LEU A 103 -13.02 7.02 0.37
C LEU A 103 -12.38 7.91 1.42
N LYS A 104 -11.66 8.95 1.00
CA LYS A 104 -11.00 9.86 1.94
C LYS A 104 -12.03 10.51 2.86
N LYS A 105 -13.24 10.79 2.36
CA LYS A 105 -14.23 11.39 3.24
C LYS A 105 -14.60 10.43 4.37
N ILE A 106 -14.66 9.14 4.07
CA ILE A 106 -14.98 8.13 5.07
C ILE A 106 -13.83 7.97 6.05
N THR A 107 -12.61 7.80 5.55
CA THR A 107 -11.51 7.51 6.46
C THR A 107 -11.08 8.74 7.26
N ASN A 108 -11.39 9.95 6.79
CA ASN A 108 -10.98 11.15 7.53
C ASN A 108 -11.64 11.22 8.91
N PHE A 109 -12.82 10.61 9.07
CA PHE A 109 -13.47 10.64 10.38
C PHE A 109 -12.62 9.99 11.46
N PHE A 110 -11.70 9.10 11.09
CA PHE A 110 -10.93 8.33 12.04
C PHE A 110 -9.50 8.80 12.17
N ARG A 111 -9.16 9.93 11.51
CA ARG A 111 -7.83 10.50 11.63
CA ARG A 111 -7.85 10.56 11.63
C ARG A 111 -7.44 10.65 13.10
N GLY A 112 -6.13 10.58 13.35
CA GLY A 112 -5.64 10.66 14.72
C GLY A 112 -6.14 11.87 15.49
N ASP A 113 -6.39 12.98 14.82
CA ASP A 113 -6.84 14.17 15.56
C ASP A 113 -8.35 14.29 15.65
N ARG A 114 -9.13 13.46 14.94
CA ARG A 114 -10.59 13.59 14.92
C ARG A 114 -11.32 12.44 15.59
N CYS A 115 -10.64 11.33 15.88
CA CYS A 115 -11.18 10.22 16.68
C CYS A 115 -10.12 9.93 17.71
N ARG A 116 -10.15 10.71 18.81
CA ARG A 116 -9.06 10.64 19.77
C ARG A 116 -8.99 9.30 20.49
N SER A 117 -10.13 8.61 20.67
CA SER A 117 -10.09 7.33 21.37
C SER A 117 -9.57 6.20 20.48
N LEU A 118 -9.24 6.49 19.22
CA LEU A 118 -8.55 5.54 18.37
C LEU A 118 -7.13 5.97 18.05
N THR A 119 -6.69 7.13 18.55
CA THR A 119 -5.30 7.54 18.35
C THR A 119 -4.36 6.46 18.86
N GLY A 120 -3.37 6.12 18.03
CA GLY A 120 -2.39 5.11 18.39
C GLY A 120 -2.85 3.69 18.20
N LYS A 121 -4.09 3.47 17.77
CA LYS A 121 -4.66 2.14 17.58
C LYS A 121 -4.84 1.85 16.11
N PRO A 122 -4.73 0.59 15.71
CA PRO A 122 -4.82 0.26 14.28
C PRO A 122 -6.25 0.41 13.78
N LYS A 123 -6.36 1.05 12.62
CA LYS A 123 -7.64 1.35 11.99
C LYS A 123 -7.58 0.69 10.62
N LEU A 124 -8.32 -0.41 10.45
CA LEU A 124 -8.19 -1.26 9.27
C LEU A 124 -9.40 -1.07 8.36
N PHE A 125 -9.15 -0.73 7.09
CA PHE A 125 -10.21 -0.59 6.10
C PHE A 125 -10.00 -1.65 5.04
N ILE A 126 -10.97 -2.55 4.91
N ILE A 126 -11.01 -2.50 4.85
CA ILE A 126 -10.98 -3.59 3.89
CA ILE A 126 -10.96 -3.63 3.92
C ILE A 126 -11.94 -3.16 2.80
C ILE A 126 -11.91 -3.32 2.77
N ILE A 127 -11.48 -3.15 1.55
N ILE A 127 -11.38 -3.18 1.56
CA ILE A 127 -12.23 -2.52 0.46
CA ILE A 127 -12.17 -2.58 0.48
C ILE A 127 -12.33 -3.49 -0.70
C ILE A 127 -12.30 -3.56 -0.68
N GLN A 128 -13.50 -4.10 -0.87
CA GLN A 128 -13.83 -4.93 -2.02
C GLN A 128 -14.64 -4.03 -2.96
N ALA A 129 -13.98 -3.54 -3.99
CA ALA A 129 -14.55 -2.59 -4.94
C ALA A 129 -13.57 -2.37 -6.06
N CYS A 130 -14.07 -2.02 -7.24
CA CYS A 130 -13.17 -1.77 -8.35
C CYS A 130 -12.40 -0.47 -8.11
N ARG A 131 -11.24 -0.37 -8.76
CA ARG A 131 -10.39 0.81 -8.65
C ARG A 131 -10.10 1.41 -10.02
N GLY A 132 -10.98 1.17 -10.98
CA GLY A 132 -10.77 1.53 -12.36
C GLY A 132 -11.27 0.41 -13.24
N THR A 133 -10.86 0.44 -14.50
CA THR A 133 -11.37 -0.48 -15.51
C THR A 133 -10.27 -1.27 -16.20
N GLU A 134 -9.07 -1.34 -15.61
CA GLU A 134 -8.02 -2.12 -16.23
C GLU A 134 -8.19 -3.60 -15.90
N LEU A 135 -7.75 -4.44 -16.83
CA LEU A 135 -7.80 -5.90 -16.68
C LEU A 135 -6.38 -6.45 -16.72
N ASP A 136 -6.10 -7.42 -15.86
CA ASP A 136 -4.77 -7.99 -15.74
C ASP A 136 -4.76 -9.29 -16.55
N CYS A 137 -4.03 -9.31 -17.67
N CYS A 137 -4.01 -9.29 -17.67
CA CYS A 137 -4.05 -10.49 -18.51
CA CYS A 137 -3.99 -10.45 -18.55
C CYS A 137 -3.20 -11.63 -17.98
C CYS A 137 -3.23 -11.62 -17.96
N GLY A 138 -2.35 -11.38 -16.98
CA GLY A 138 -1.57 -12.43 -16.39
C GLY A 138 -0.43 -12.88 -17.27
N ILE A 139 0.43 -13.72 -16.71
CA ILE A 139 1.56 -14.30 -17.44
C ILE A 139 1.72 -15.74 -16.98
N GLU A 140 1.96 -16.64 -17.95
CA GLU A 140 2.06 -18.05 -17.64
C GLU A 140 3.24 -18.30 -16.72
N THR A 141 3.02 -19.18 -15.74
CA THR A 141 4.10 -19.64 -14.86
C THR A 141 4.80 -20.83 -15.50
N HIS B 2 5.68 15.36 21.96
CA HIS B 2 5.57 14.10 21.23
C HIS B 2 4.26 14.03 20.44
N LYS B 3 4.37 14.12 19.12
CA LYS B 3 3.22 14.00 18.24
C LYS B 3 3.43 12.80 17.30
N ILE B 4 2.32 12.34 16.74
CA ILE B 4 2.34 11.35 15.67
C ILE B 4 1.56 11.92 14.49
N PRO B 5 1.83 11.42 13.28
CA PRO B 5 1.05 11.87 12.12
C PRO B 5 -0.42 11.47 12.27
N VAL B 6 -1.31 12.35 11.80
CA VAL B 6 -2.73 12.01 11.86
C VAL B 6 -3.05 10.88 10.89
N GLU B 7 -2.20 10.64 9.88
CA GLU B 7 -2.44 9.55 8.94
C GLU B 7 -1.80 8.24 9.37
N ALA B 8 -1.12 8.22 10.51
CA ALA B 8 -0.47 7.00 10.99
C ALA B 8 -1.52 6.04 11.55
N ASP B 9 -1.15 4.74 11.55
CA ASP B 9 -1.91 3.64 12.15
C ASP B 9 -3.17 3.27 11.37
N PHE B 10 -3.18 3.59 10.08
CA PHE B 10 -4.19 3.11 9.14
C PHE B 10 -3.63 1.98 8.31
N LEU B 11 -4.47 0.99 8.01
CA LEU B 11 -4.13 -0.02 7.02
C LEU B 11 -5.30 -0.15 6.06
N TYR B 12 -5.01 -0.12 4.76
CA TYR B 12 -6.02 -0.26 3.72
C TYR B 12 -5.73 -1.55 2.98
N ALA B 13 -6.60 -2.54 3.14
CA ALA B 13 -6.46 -3.81 2.44
C ALA B 13 -7.38 -3.76 1.23
N TYR B 14 -6.83 -3.33 0.10
CA TYR B 14 -7.60 -3.23 -1.13
C TYR B 14 -7.66 -4.57 -1.84
N SER B 15 -8.83 -4.86 -2.42
CA SER B 15 -8.98 -6.12 -3.13
C SER B 15 -8.14 -6.21 -4.40
N THR B 16 -7.72 -5.08 -4.98
CA THR B 16 -7.12 -5.10 -6.30
C THR B 16 -6.12 -3.96 -6.42
N ALA B 17 -5.26 -4.05 -7.45
CA ALA B 17 -4.24 -3.04 -7.66
C ALA B 17 -4.86 -1.72 -8.11
N PRO B 18 -4.17 -0.59 -7.90
CA PRO B 18 -4.72 0.70 -8.35
C PRO B 18 -5.00 0.69 -9.84
N GLY B 19 -6.18 1.19 -10.21
CA GLY B 19 -6.58 1.30 -11.60
C GLY B 19 -7.31 0.09 -12.16
N TYR B 20 -7.41 -1.01 -11.40
CA TYR B 20 -7.90 -2.27 -11.92
C TYR B 20 -9.33 -2.58 -11.45
N TYR B 21 -10.05 -3.33 -12.28
CA TYR B 21 -11.25 -4.00 -11.83
C TYR B 21 -10.93 -4.98 -10.69
N SER B 22 -11.95 -5.31 -9.91
CA SER B 22 -11.90 -6.37 -8.92
C SER B 22 -13.00 -7.39 -9.23
N TRP B 23 -12.70 -8.67 -9.01
CA TRP B 23 -13.58 -9.75 -9.47
C TRP B 23 -14.39 -10.38 -8.33
N ARG B 24 -15.62 -10.76 -8.68
CA ARG B 24 -16.55 -11.34 -7.72
C ARG B 24 -17.23 -12.50 -8.41
N ASN B 25 -17.43 -13.60 -7.70
CA ASN B 25 -18.18 -14.72 -8.23
C ASN B 25 -19.57 -14.75 -7.59
N SER B 26 -20.60 -14.94 -8.41
CA SER B 26 -21.97 -14.81 -7.94
C SER B 26 -22.36 -15.85 -6.89
N LYS B 27 -21.69 -17.01 -6.89
CA LYS B 27 -22.00 -18.05 -5.92
C LYS B 27 -21.01 -18.11 -4.78
N ASP B 28 -19.72 -17.88 -5.05
CA ASP B 28 -18.70 -18.07 -4.02
C ASP B 28 -18.34 -16.78 -3.29
N GLY B 29 -18.71 -15.62 -3.84
CA GLY B 29 -18.30 -14.34 -3.28
C GLY B 29 -17.11 -13.78 -4.02
N SER B 30 -16.59 -12.65 -3.53
CA SER B 30 -15.46 -12.04 -4.21
C SER B 30 -14.19 -12.84 -3.96
N TRP B 31 -13.30 -12.84 -4.96
CA TRP B 31 -12.03 -13.57 -4.81
C TRP B 31 -11.28 -13.10 -3.58
N PHE B 32 -11.25 -11.79 -3.35
CA PHE B 32 -10.48 -11.24 -2.25
C PHE B 32 -11.08 -11.60 -0.90
N ILE B 33 -12.40 -11.42 -0.72
CA ILE B 33 -12.97 -11.66 0.59
C ILE B 33 -12.97 -13.16 0.90
N GLN B 34 -13.27 -14.00 -0.11
CA GLN B 34 -13.10 -15.46 0.02
C GLN B 34 -11.73 -15.79 0.61
N SER B 35 -10.68 -15.24 -0.02
CA SER B 35 -9.31 -15.55 0.34
C SER B 35 -8.93 -14.94 1.68
N LEU B 36 -9.39 -13.71 1.95
CA LEU B 36 -9.12 -13.07 3.24
C LEU B 36 -9.72 -13.87 4.38
N CYS B 37 -10.97 -14.33 4.23
CA CYS B 37 -11.60 -15.07 5.31
C CYS B 37 -10.93 -16.42 5.50
N ALA B 38 -10.54 -17.08 4.42
CA ALA B 38 -9.83 -18.36 4.53
C ALA B 38 -8.50 -18.18 5.25
N MET B 39 -7.76 -17.12 4.94
CA MET B 39 -6.46 -16.96 5.57
C MET B 39 -6.56 -16.51 7.01
N LEU B 40 -7.55 -15.68 7.35
CA LEU B 40 -7.74 -15.32 8.75
C LEU B 40 -8.10 -16.55 9.56
N LYS B 41 -8.97 -17.40 9.03
CA LYS B 41 -9.35 -18.61 9.74
C LYS B 41 -8.13 -19.51 9.98
N GLN B 42 -7.27 -19.64 8.98
CA GLN B 42 -6.13 -20.55 9.07
C GLN B 42 -5.02 -19.98 9.93
N TYR B 43 -4.78 -18.67 9.87
CA TYR B 43 -3.53 -18.11 10.36
C TYR B 43 -3.65 -17.03 11.41
N ALA B 44 -4.86 -16.61 11.79
CA ALA B 44 -4.95 -15.49 12.73
C ALA B 44 -4.36 -15.80 14.11
N ASP B 45 -4.20 -17.09 14.46
CA ASP B 45 -3.55 -17.42 15.73
C ASP B 45 -2.08 -17.80 15.54
N LYS B 46 -1.51 -17.49 14.38
CA LYS B 46 -0.15 -17.92 14.05
C LYS B 46 0.70 -16.85 13.38
N LEU B 47 0.11 -15.89 12.67
CA LEU B 47 0.88 -14.99 11.81
C LEU B 47 0.52 -13.54 12.11
N GLU B 48 1.51 -12.66 11.94
CA GLU B 48 1.24 -11.24 11.99
C GLU B 48 0.39 -10.85 10.79
N PHE B 49 -0.43 -9.80 10.96
CA PHE B 49 -1.47 -9.48 9.98
C PHE B 49 -0.90 -9.22 8.60
N MET B 50 0.28 -8.61 8.52
CA MET B 50 0.79 -8.30 7.19
C MET B 50 1.18 -9.58 6.48
N HIS B 51 1.64 -10.58 7.25
CA HIS B 51 1.95 -11.87 6.66
C HIS B 51 0.70 -12.64 6.30
N ILE B 52 -0.40 -12.45 7.05
CA ILE B 52 -1.68 -13.02 6.62
C ILE B 52 -2.10 -12.42 5.28
N LEU B 53 -2.00 -11.09 5.16
CA LEU B 53 -2.43 -10.46 3.92
C LEU B 53 -1.54 -10.84 2.75
N THR B 54 -0.26 -11.14 3.01
CA THR B 54 0.61 -11.63 1.95
C THR B 54 0.16 -13.00 1.46
N ARG B 55 -0.29 -13.85 2.38
CA ARG B 55 -0.89 -15.12 1.98
C ARG B 55 -2.17 -14.92 1.18
N VAL B 56 -2.99 -13.92 1.56
CA VAL B 56 -4.16 -13.57 0.75
C VAL B 56 -3.73 -13.17 -0.66
N ASN B 57 -2.67 -12.35 -0.77
CA ASN B 57 -2.18 -11.96 -2.08
C ASN B 57 -1.85 -13.19 -2.91
N ARG B 58 -1.13 -14.15 -2.32
CA ARG B 58 -0.72 -15.31 -3.08
C ARG B 58 -1.94 -16.15 -3.50
N LYS B 59 -2.92 -16.27 -2.60
CA LYS B 59 -4.10 -17.07 -2.90
C LYS B 59 -4.93 -16.47 -4.01
N VAL B 60 -5.14 -15.14 -3.97
CA VAL B 60 -5.89 -14.49 -5.04
C VAL B 60 -5.13 -14.59 -6.36
N ALA B 61 -3.80 -14.39 -6.31
CA ALA B 61 -2.99 -14.38 -7.51
C ALA B 61 -2.90 -15.75 -8.17
N THR B 62 -2.93 -16.82 -7.39
CA THR B 62 -2.67 -18.14 -7.96
C THR B 62 -3.92 -18.98 -8.19
N GLU B 63 -4.99 -18.80 -7.41
CA GLU B 63 -6.11 -19.73 -7.42
C GLU B 63 -7.32 -19.27 -8.22
N PHE B 64 -7.30 -18.05 -8.75
CA PHE B 64 -8.46 -17.50 -9.43
C PHE B 64 -8.08 -17.01 -10.83
N GLU B 65 -8.99 -17.21 -11.77
CA GLU B 65 -8.85 -16.69 -13.13
C GLU B 65 -10.26 -16.57 -13.68
N SER B 66 -10.58 -15.42 -14.30
CA SER B 66 -11.96 -15.18 -14.68
C SER B 66 -12.41 -16.07 -15.83
N PHE B 67 -13.73 -16.31 -15.89
CA PHE B 67 -14.36 -17.00 -17.00
C PHE B 67 -15.40 -16.08 -17.62
N SER B 68 -15.30 -15.85 -18.93
CA SER B 68 -16.26 -15.01 -19.61
C SER B 68 -16.44 -15.46 -21.06
N PHE B 69 -17.68 -15.39 -21.54
CA PHE B 69 -17.93 -15.60 -22.97
C PHE B 69 -17.32 -14.48 -23.79
N ASP B 70 -17.17 -13.30 -23.20
CA ASP B 70 -16.56 -12.14 -23.85
C ASP B 70 -15.04 -12.26 -23.72
N ALA B 71 -14.33 -12.34 -24.85
CA ALA B 71 -12.88 -12.50 -24.80
C ALA B 71 -12.22 -11.34 -24.06
N THR B 72 -12.84 -10.15 -24.10
CA THR B 72 -12.29 -8.99 -23.41
C THR B 72 -12.13 -9.24 -21.91
N PHE B 73 -13.04 -10.01 -21.32
CA PHE B 73 -13.09 -10.25 -19.88
C PHE B 73 -12.65 -11.65 -19.48
N HIS B 74 -12.22 -12.49 -20.42
CA HIS B 74 -11.92 -13.88 -20.11
C HIS B 74 -10.47 -14.08 -19.70
N ALA B 75 -10.25 -15.00 -18.77
CA ALA B 75 -8.90 -15.47 -18.41
C ALA B 75 -8.07 -14.37 -17.74
N LYS B 76 -8.74 -13.50 -17.00
CA LYS B 76 -8.07 -12.38 -16.34
C LYS B 76 -7.74 -12.72 -14.89
N LYS B 77 -6.79 -11.96 -14.34
CA LYS B 77 -6.16 -12.25 -13.06
C LYS B 77 -6.27 -11.03 -12.16
N GLN B 78 -5.91 -11.23 -10.90
CA GLN B 78 -6.04 -10.16 -9.91
C GLN B 78 -4.98 -10.29 -8.84
N ILE B 79 -4.40 -9.17 -8.44
CA ILE B 79 -3.52 -9.11 -7.28
C ILE B 79 -4.08 -8.05 -6.34
N PRO B 80 -4.29 -8.37 -5.05
CA PRO B 80 -4.73 -7.35 -4.10
C PRO B 80 -3.62 -6.37 -3.79
N CYS B 81 -3.91 -5.38 -2.97
CA CYS B 81 -2.96 -4.30 -2.74
C CYS B 81 -3.04 -3.89 -1.28
N ILE B 82 -2.00 -4.21 -0.52
CA ILE B 82 -1.90 -3.89 0.90
C ILE B 82 -1.27 -2.51 1.01
N VAL B 83 -1.96 -1.57 1.68
CA VAL B 83 -1.42 -0.22 1.86
C VAL B 83 -1.30 0.01 3.36
N SER B 84 -0.07 0.01 3.88
CA SER B 84 0.11 0.09 5.32
C SER B 84 0.77 1.40 5.73
N MET B 85 0.05 2.20 6.54
CA MET B 85 0.64 3.24 7.37
C MET B 85 0.72 2.82 8.84
N LEU B 86 0.75 1.51 9.10
CA LEU B 86 0.86 1.04 10.49
C LEU B 86 2.25 1.29 11.03
N THR B 87 2.35 1.49 12.34
CA THR B 87 3.63 1.74 12.97
C THR B 87 4.08 0.59 13.87
N LYS B 88 3.25 -0.44 14.02
CA LYS B 88 3.59 -1.61 14.82
C LYS B 88 3.03 -2.86 14.16
N GLU B 89 3.49 -4.01 14.65
CA GLU B 89 2.98 -5.29 14.21
C GLU B 89 1.63 -5.56 14.86
N LEU B 90 0.75 -6.24 14.11
CA LEU B 90 -0.62 -6.47 14.54
C LEU B 90 -0.86 -7.99 14.61
N TYR B 91 -1.11 -8.48 15.83
CA TYR B 91 -1.43 -9.88 16.07
C TYR B 91 -2.82 -9.97 16.68
N PHE B 92 -3.64 -10.88 16.17
CA PHE B 92 -4.99 -11.00 16.69
C PHE B 92 -5.07 -11.86 17.94
N TYR B 93 -3.98 -12.53 18.30
CA TYR B 93 -3.90 -13.25 19.57
C TYR B 93 -2.94 -12.56 20.53
N ASP C 1 6.80 -22.67 0.36
CA ASP C 1 6.60 -21.61 -0.62
C ASP C 1 6.08 -20.33 0.03
N ASN C 2 6.40 -20.16 1.33
CA ASN C 2 5.97 -18.99 2.08
C ASN C 2 6.89 -17.79 1.91
N SER C 3 8.13 -18.02 1.49
CA SER C 3 9.08 -16.94 1.33
C SER C 3 9.76 -17.04 -0.02
N TYR C 4 10.12 -15.88 -0.56
CA TYR C 4 10.79 -15.85 -1.84
C TYR C 4 12.15 -16.55 -1.75
N LYS C 5 12.48 -17.32 -2.79
CA LYS C 5 13.81 -17.89 -2.95
C LYS C 5 14.86 -16.80 -3.09
N MET C 6 15.73 -16.64 -2.09
CA MET C 6 16.75 -15.61 -2.14
C MET C 6 18.16 -16.18 -2.19
N ASP C 7 18.32 -17.44 -2.61
CA ASP C 7 19.64 -18.05 -2.68
C ASP C 7 20.05 -18.34 -4.12
N TYR C 8 19.52 -17.58 -5.07
CA TYR C 8 20.09 -17.49 -6.39
C TYR C 8 21.55 -17.05 -6.28
N PRO C 9 22.34 -17.27 -7.34
CA PRO C 9 23.76 -16.84 -7.29
C PRO C 9 23.96 -15.38 -6.92
N GLU C 10 23.08 -14.49 -7.35
CA GLU C 10 23.19 -13.06 -7.08
C GLU C 10 21.93 -12.54 -6.40
N MET C 11 22.10 -11.61 -5.46
CA MET C 11 20.94 -10.97 -4.84
C MET C 11 20.10 -10.22 -5.88
N GLY C 12 20.76 -9.54 -6.80
CA GLY C 12 20.10 -8.75 -7.83
C GLY C 12 20.69 -7.37 -7.95
N LEU C 13 20.13 -6.60 -8.88
CA LEU C 13 20.52 -5.21 -9.07
C LEU C 13 19.82 -4.29 -8.08
N CYS C 14 20.52 -3.24 -7.66
CA CYS C 14 19.92 -2.10 -6.97
C CYS C 14 20.28 -0.85 -7.77
N ILE C 15 19.28 -0.24 -8.40
CA ILE C 15 19.47 0.97 -9.21
C ILE C 15 19.05 2.18 -8.37
N ILE C 16 19.96 3.13 -8.15
CA ILE C 16 19.67 4.34 -7.39
C ILE C 16 19.72 5.54 -8.33
N ILE C 17 18.57 6.17 -8.54
CA ILE C 17 18.49 7.36 -9.39
C ILE C 17 18.37 8.57 -8.47
N ASN C 18 19.40 9.41 -8.48
CA ASN C 18 19.53 10.52 -7.53
C ASN C 18 19.43 11.83 -8.28
N ASN C 19 18.27 12.46 -8.28
CA ASN C 19 18.10 13.72 -8.98
C ASN C 19 18.17 14.88 -8.01
N LYS C 20 19.23 15.67 -8.16
CA LYS C 20 19.52 16.80 -7.29
C LYS C 20 19.28 18.14 -7.96
N ASN C 21 19.69 18.29 -9.20
CA ASN C 21 19.71 19.57 -9.90
C ASN C 21 18.74 19.53 -11.07
N PHE C 22 17.84 20.50 -11.15
CA PHE C 22 16.76 20.49 -12.13
C PHE C 22 16.92 21.66 -13.10
N HIS C 23 16.41 21.47 -14.32
CA HIS C 23 16.47 22.55 -15.30
C HIS C 23 15.60 23.71 -14.85
N LYS C 24 16.02 24.93 -15.20
CA LYS C 24 15.28 26.12 -14.76
C LYS C 24 13.84 26.10 -15.25
N SER C 25 13.58 25.46 -16.39
CA SER C 25 12.24 25.38 -16.95
C SER C 25 11.27 24.61 -16.06
N THR C 26 11.77 23.72 -15.20
CA THR C 26 10.89 22.99 -14.29
C THR C 26 10.43 23.84 -13.11
N GLY C 27 11.16 24.91 -12.78
CA GLY C 27 10.85 25.67 -11.58
C GLY C 27 11.06 24.90 -10.30
N MET C 28 11.95 23.90 -10.30
CA MET C 28 12.12 23.02 -9.16
C MET C 28 13.41 23.37 -8.44
N THR C 29 13.36 23.34 -7.12
CA THR C 29 14.51 23.68 -6.30
C THR C 29 15.54 22.54 -6.30
N SER C 30 16.80 22.90 -6.07
CA SER C 30 17.84 21.89 -5.90
C SER C 30 17.61 21.13 -4.59
N ARG C 31 17.78 19.81 -4.63
CA ARG C 31 17.36 18.96 -3.51
C ARG C 31 18.53 18.69 -2.56
N SER C 32 18.96 19.74 -1.86
CA SER C 32 20.07 19.59 -0.91
C SER C 32 19.81 18.46 0.08
N GLY C 33 20.84 17.64 0.31
CA GLY C 33 20.76 16.49 1.18
C GLY C 33 20.58 15.17 0.45
N THR C 34 20.22 15.20 -0.83
CA THR C 34 19.98 13.94 -1.52
C THR C 34 21.27 13.15 -1.77
N ASP C 35 22.43 13.81 -1.86
CA ASP C 35 23.67 13.03 -2.00
C ASP C 35 23.95 12.18 -0.77
N VAL C 36 23.64 12.71 0.42
CA VAL C 36 23.74 11.94 1.65
C VAL C 36 22.86 10.70 1.57
N ASP C 37 21.61 10.88 1.12
CA ASP C 37 20.73 9.72 0.94
C ASP C 37 21.35 8.69 0.00
N ALA C 38 21.84 9.16 -1.16
CA ALA C 38 22.32 8.23 -2.18
C ALA C 38 23.50 7.42 -1.68
N ALA C 39 24.41 8.06 -0.94
CA ALA C 39 25.57 7.35 -0.44
C ALA C 39 25.18 6.38 0.66
N ASN C 40 24.25 6.77 1.53
CA ASN C 40 23.75 5.87 2.57
C ASN C 40 23.12 4.63 1.93
N LEU C 41 22.34 4.84 0.87
CA LEU C 41 21.67 3.73 0.20
C LEU C 41 22.69 2.81 -0.46
N ARG C 42 23.70 3.38 -1.10
CA ARG C 42 24.71 2.55 -1.75
C ARG C 42 25.39 1.64 -0.73
N GLU C 43 25.81 2.19 0.40
CA GLU C 43 26.47 1.34 1.41
C GLU C 43 25.50 0.30 1.95
N THR C 44 24.27 0.71 2.22
CA THR C 44 23.28 -0.20 2.80
C THR C 44 23.02 -1.38 1.88
N PHE C 45 22.75 -1.11 0.60
CA PHE C 45 22.39 -2.22 -0.27
C PHE C 45 23.61 -3.02 -0.73
N ARG C 46 24.80 -2.40 -0.79
CA ARG C 46 26.00 -3.22 -0.99
C ARG C 46 26.17 -4.23 0.13
N ASN C 47 25.96 -3.80 1.37
CA ASN C 47 26.03 -4.73 2.50
C ASN C 47 24.98 -5.83 2.43
N LEU C 48 23.87 -5.59 1.72
CA LEU C 48 22.87 -6.63 1.51
C LEU C 48 23.20 -7.51 0.31
N LYS C 49 24.36 -7.32 -0.31
CA LYS C 49 24.93 -8.12 -1.39
C LYS C 49 24.34 -7.78 -2.75
N TYR C 50 23.70 -6.62 -2.88
CA TYR C 50 23.22 -6.17 -4.17
C TYR C 50 24.35 -5.62 -5.02
N GLU C 51 24.19 -5.72 -6.33
CA GLU C 51 25.02 -5.01 -7.29
C GLU C 51 24.42 -3.62 -7.47
N VAL C 52 25.06 -2.60 -6.88
CA VAL C 52 24.48 -1.28 -6.79
C VAL C 52 25.00 -0.41 -7.92
N ARG C 53 24.09 0.21 -8.66
CA ARG C 53 24.42 1.20 -9.69
C ARG C 53 23.80 2.54 -9.30
N ASN C 54 24.65 3.54 -9.05
CA ASN C 54 24.22 4.90 -8.78
C ASN C 54 24.21 5.72 -10.06
N LYS C 55 23.11 6.43 -10.30
CA LYS C 55 22.93 7.34 -11.41
C LYS C 55 22.53 8.70 -10.86
N ASN C 56 23.03 9.78 -11.46
CA ASN C 56 22.79 11.13 -10.94
C ASN C 56 22.27 12.04 -12.04
N ASP C 57 21.27 12.87 -11.69
CA ASP C 57 20.74 13.92 -12.56
C ASP C 57 20.41 13.40 -13.96
N LEU C 58 19.40 12.54 -14.01
CA LEU C 58 18.92 12.00 -15.27
C LEU C 58 17.69 12.75 -15.75
N THR C 59 17.64 13.05 -17.04
CA THR C 59 16.40 13.54 -17.62
C THR C 59 15.35 12.43 -17.58
N ARG C 60 14.10 12.80 -17.84
CA ARG C 60 13.04 11.78 -17.87
C ARG C 60 13.29 10.79 -19.01
N GLU C 61 13.85 11.26 -20.13
CA GLU C 61 14.17 10.36 -21.23
C GLU C 61 15.23 9.36 -20.83
N GLU C 62 16.25 9.83 -20.10
CA GLU C 62 17.31 8.95 -19.60
C GLU C 62 16.80 7.98 -18.54
N ILE C 63 15.88 8.40 -17.68
CA ILE C 63 15.31 7.46 -16.71
C ILE C 63 14.61 6.34 -17.44
N VAL C 64 13.79 6.67 -18.42
CA VAL C 64 13.04 5.66 -19.16
C VAL C 64 13.99 4.73 -19.90
N GLU C 65 15.03 5.30 -20.53
CA GLU C 65 15.99 4.48 -21.27
C GLU C 65 16.72 3.53 -20.33
N LEU C 66 17.19 4.05 -19.18
CA LEU C 66 17.90 3.23 -18.21
C LEU C 66 17.03 2.09 -17.72
N MET C 67 15.79 2.40 -17.34
CA MET C 67 14.91 1.40 -16.78
C MET C 67 14.57 0.34 -17.83
N ARG C 68 14.36 0.76 -19.07
CA ARG C 68 14.06 -0.23 -20.10
C ARG C 68 15.26 -1.16 -20.31
N ASP C 69 16.46 -0.58 -20.44
CA ASP C 69 17.67 -1.39 -20.56
C ASP C 69 17.81 -2.37 -19.41
N VAL C 70 17.59 -1.90 -18.17
CA VAL C 70 17.74 -2.79 -17.02
C VAL C 70 16.73 -3.93 -17.11
N SER C 71 15.52 -3.63 -17.54
CA SER C 71 14.48 -4.67 -17.60
C SER C 71 14.76 -5.71 -18.67
N LYS C 72 15.60 -5.39 -19.67
CA LYS C 72 15.95 -6.33 -20.73
C LYS C 72 17.25 -7.07 -20.47
N GLU C 73 17.90 -6.83 -19.33
CA GLU C 73 18.99 -7.68 -18.91
C GLU C 73 18.44 -9.06 -18.53
N ASP C 74 19.34 -10.04 -18.45
CA ASP C 74 18.98 -11.38 -18.01
C ASP C 74 19.13 -11.46 -16.49
N HIS C 75 18.00 -11.46 -15.78
CA HIS C 75 18.00 -11.56 -14.33
C HIS C 75 17.84 -12.99 -13.83
N SER C 76 18.09 -13.98 -14.69
CA SER C 76 17.81 -15.37 -14.33
C SER C 76 18.58 -15.79 -13.08
N LYS C 77 19.81 -15.32 -12.90
CA LYS C 77 20.63 -15.70 -11.76
C LYS C 77 20.47 -14.76 -10.58
N ARG C 78 19.50 -13.86 -10.63
CA ARG C 78 19.30 -12.86 -9.58
C ARG C 78 18.03 -13.15 -8.81
N SER C 79 18.07 -12.93 -7.48
CA SER C 79 16.93 -13.23 -6.62
C SER C 79 15.84 -12.17 -6.69
N SER C 80 16.21 -10.92 -6.95
CA SER C 80 15.29 -9.82 -6.73
C SER C 80 15.77 -8.63 -7.55
N PHE C 81 15.01 -7.53 -7.46
CA PHE C 81 15.37 -6.28 -8.10
C PHE C 81 14.96 -5.13 -7.20
N VAL C 82 15.82 -4.10 -7.11
CA VAL C 82 15.54 -2.92 -6.30
C VAL C 82 15.80 -1.67 -7.13
N CYS C 83 14.84 -0.75 -7.13
CA CYS C 83 15.02 0.56 -7.75
C CYS C 83 14.69 1.62 -6.72
N VAL C 84 15.61 2.58 -6.53
CA VAL C 84 15.41 3.69 -5.62
C VAL C 84 15.35 4.99 -6.41
N LEU C 85 14.26 5.74 -6.23
CA LEU C 85 14.04 6.99 -6.95
C LEU C 85 14.05 8.14 -5.94
N LEU C 86 14.98 9.08 -6.12
CA LEU C 86 15.12 10.25 -5.24
C LEU C 86 14.93 11.50 -6.08
N SER C 87 13.81 12.18 -5.90
CA SER C 87 13.53 13.33 -6.77
C SER C 87 12.36 14.13 -6.21
N HIS C 88 11.98 15.16 -6.96
CA HIS C 88 10.69 15.79 -6.76
C HIS C 88 9.61 14.85 -7.31
N GLY C 89 8.38 15.05 -6.83
CA GLY C 89 7.27 14.26 -7.34
C GLY C 89 5.92 14.89 -7.08
N GLU C 90 4.90 14.29 -7.68
CA GLU C 90 3.49 14.53 -7.40
C GLU C 90 2.83 13.15 -7.31
N GLU C 91 1.54 13.10 -6.98
CA GLU C 91 0.89 11.79 -6.91
C GLU C 91 1.07 11.06 -8.24
N GLY C 92 1.67 9.87 -8.19
CA GLY C 92 1.90 9.02 -9.36
C GLY C 92 3.06 9.42 -10.26
N ILE C 93 3.84 10.43 -9.89
CA ILE C 93 4.79 11.08 -10.79
C ILE C 93 6.13 11.27 -10.08
N ILE C 94 7.24 11.02 -10.79
CA ILE C 94 8.54 11.50 -10.31
C ILE C 94 9.11 12.42 -11.38
N PHE C 95 10.05 13.28 -10.97
CA PHE C 95 10.65 14.24 -11.90
C PHE C 95 11.99 13.76 -12.42
N GLY C 96 12.12 13.69 -13.74
CA GLY C 96 13.43 13.80 -14.33
C GLY C 96 13.92 15.24 -14.15
N THR C 97 15.20 15.46 -14.45
CA THR C 97 15.74 16.81 -14.31
C THR C 97 14.99 17.81 -15.19
N ASN C 98 14.33 17.34 -16.24
CA ASN C 98 13.66 18.21 -17.19
C ASN C 98 12.14 18.06 -17.20
N GLY C 99 11.55 17.40 -16.20
CA GLY C 99 10.11 17.36 -16.10
C GLY C 99 9.57 16.02 -15.63
N PRO C 100 8.25 15.94 -15.53
CA PRO C 100 7.61 14.76 -14.91
C PRO C 100 7.57 13.55 -15.83
N VAL C 101 7.63 12.38 -15.18
CA VAL C 101 7.34 11.09 -15.80
C VAL C 101 6.47 10.29 -14.85
N ASP C 102 5.45 9.62 -15.40
CA ASP C 102 4.59 8.75 -14.60
C ASP C 102 5.38 7.59 -14.00
N LEU C 103 5.20 7.33 -12.70
CA LEU C 103 5.80 6.16 -12.08
C LEU C 103 5.42 4.87 -12.82
N LYS C 104 4.16 4.74 -13.25
CA LYS C 104 3.66 3.56 -13.96
C LYS C 104 4.45 3.31 -15.25
N LYS C 105 4.96 4.37 -15.89
CA LYS C 105 5.79 4.11 -17.07
C LYS C 105 7.11 3.42 -16.71
N ILE C 106 7.64 3.73 -15.52
CA ILE C 106 8.88 3.10 -15.08
C ILE C 106 8.63 1.68 -14.62
N THR C 107 7.64 1.49 -13.73
CA THR C 107 7.42 0.16 -13.18
C THR C 107 6.88 -0.81 -14.23
N ASN C 108 6.22 -0.30 -15.28
CA ASN C 108 5.62 -1.20 -16.25
C ASN C 108 6.67 -2.05 -16.96
N PHE C 109 7.89 -1.54 -17.10
CA PHE C 109 8.96 -2.33 -17.71
C PHE C 109 9.22 -3.64 -16.97
N PHE C 110 8.84 -3.74 -15.71
CA PHE C 110 9.15 -4.89 -14.88
C PHE C 110 7.93 -5.77 -14.64
N ARG C 111 6.83 -5.48 -15.33
CA ARG C 111 5.64 -6.32 -15.29
C ARG C 111 6.02 -7.78 -15.52
N GLY C 112 5.23 -8.69 -14.94
CA GLY C 112 5.53 -10.11 -15.06
C GLY C 112 5.62 -10.59 -16.50
N ASP C 113 4.89 -9.95 -17.42
CA ASP C 113 4.91 -10.36 -18.81
C ASP C 113 5.95 -9.61 -19.64
N ARG C 114 6.56 -8.56 -19.11
CA ARG C 114 7.54 -7.78 -19.85
C ARG C 114 8.97 -7.98 -19.37
N CYS C 115 9.18 -8.50 -18.17
CA CYS C 115 10.53 -8.81 -17.69
C CYS C 115 10.45 -10.24 -17.18
N ARG C 116 10.62 -11.17 -18.13
CA ARG C 116 10.35 -12.58 -17.87
C ARG C 116 11.34 -13.19 -16.88
N SER C 117 12.57 -12.68 -16.85
CA SER C 117 13.56 -13.22 -15.93
C SER C 117 13.37 -12.70 -14.51
N LEU C 118 12.40 -11.80 -14.28
CA LEU C 118 12.02 -11.40 -12.93
C LEU C 118 10.64 -11.89 -12.54
N THR C 119 9.93 -12.60 -13.42
CA THR C 119 8.61 -13.10 -13.05
C THR C 119 8.73 -13.98 -11.82
N GLY C 120 7.86 -13.78 -10.85
CA GLY C 120 7.90 -14.56 -9.63
C GLY C 120 8.91 -14.08 -8.60
N LYS C 121 9.67 -13.06 -8.92
CA LYS C 121 10.68 -12.55 -8.01
C LYS C 121 10.28 -11.16 -7.52
N PRO C 122 10.67 -10.80 -6.30
CA PRO C 122 10.25 -9.50 -5.75
C PRO C 122 10.92 -8.34 -6.43
N LYS C 123 10.13 -7.33 -6.75
CA LYS C 123 10.58 -6.12 -7.45
C LYS C 123 10.25 -4.94 -6.54
N LEU C 124 11.27 -4.33 -5.95
CA LEU C 124 11.08 -3.32 -4.91
C LEU C 124 11.38 -1.93 -5.47
N PHE C 125 10.42 -1.03 -5.31
CA PHE C 125 10.60 0.36 -5.73
C PHE C 125 10.51 1.22 -4.47
N ILE C 126 11.58 1.93 -4.18
CA ILE C 126 11.68 2.81 -3.01
C ILE C 126 11.64 4.23 -3.51
N ILE C 127 10.65 5.01 -3.08
CA ILE C 127 10.37 6.30 -3.72
C ILE C 127 10.42 7.42 -2.69
N GLN C 128 11.47 8.23 -2.74
CA GLN C 128 11.57 9.45 -1.95
C GLN C 128 11.20 10.60 -2.90
N ALA C 129 9.98 11.11 -2.77
CA ALA C 129 9.42 12.17 -3.59
C ALA C 129 8.08 12.59 -3.02
N CYS C 130 7.69 13.84 -3.26
CA CYS C 130 6.38 14.25 -2.83
C CYS C 130 5.28 13.56 -3.63
N ARG C 131 4.11 13.45 -3.00
CA ARG C 131 2.93 12.83 -3.59
C ARG C 131 1.77 13.80 -3.63
N GLY C 132 2.06 15.09 -3.62
CA GLY C 132 1.05 16.10 -3.50
C GLY C 132 1.55 17.22 -2.60
N THR C 133 0.61 18.05 -2.13
CA THR C 133 0.96 19.22 -1.35
C THR C 133 0.26 19.27 0.01
N GLU C 134 -0.28 18.17 0.50
CA GLU C 134 -0.87 18.20 1.82
C GLU C 134 0.21 18.13 2.89
N LEU C 135 -0.08 18.72 4.05
CA LEU C 135 0.81 18.68 5.21
C LEU C 135 0.09 18.01 6.38
N ASP C 136 0.82 17.23 7.15
CA ASP C 136 0.24 16.49 8.27
C ASP C 136 0.54 17.28 9.54
N CYS C 137 -0.50 17.87 10.14
N CYS C 137 -0.50 17.86 10.13
CA CYS C 137 -0.30 18.66 11.36
CA CYS C 137 -0.35 18.66 11.35
C CYS C 137 -0.02 17.81 12.58
C CYS C 137 -0.03 17.81 12.57
N GLY C 138 -0.22 16.50 12.51
CA GLY C 138 0.05 15.62 13.63
C GLY C 138 -0.98 15.77 14.76
N ILE C 139 -0.83 14.91 15.76
CA ILE C 139 -1.64 14.95 16.98
C ILE C 139 -0.78 14.58 18.18
N GLU C 140 -0.86 15.39 19.23
CA GLU C 140 -0.14 15.11 20.46
C GLU C 140 -0.74 13.88 21.12
N THR C 141 0.12 12.96 21.55
CA THR C 141 -0.35 11.74 22.18
C THR C 141 -0.31 11.86 23.69
N CYS D 1 -0.93 -23.60 -18.00
CA CYS D 1 -2.28 -23.67 -17.45
C CYS D 1 -2.45 -22.78 -16.25
N HIS D 2 -1.32 -22.27 -15.76
CA HIS D 2 -1.29 -21.46 -14.56
C HIS D 2 -0.66 -20.12 -14.89
N LYS D 3 -1.29 -19.05 -14.42
CA LYS D 3 -0.79 -17.71 -14.63
C LYS D 3 -0.70 -17.01 -13.27
N ILE D 4 0.12 -15.97 -13.23
CA ILE D 4 0.06 -15.01 -12.12
C ILE D 4 -0.25 -13.65 -12.72
N PRO D 5 -0.77 -12.71 -11.90
CA PRO D 5 -1.01 -11.35 -12.41
C PRO D 5 0.28 -10.68 -12.81
N VAL D 6 0.23 -9.86 -13.87
CA VAL D 6 1.44 -9.15 -14.28
C VAL D 6 1.83 -8.08 -13.26
N GLU D 7 0.90 -7.66 -12.39
CA GLU D 7 1.19 -6.68 -11.35
C GLU D 7 1.65 -7.32 -10.04
N ALA D 8 1.71 -8.65 -9.97
CA ALA D 8 2.12 -9.33 -8.75
C ALA D 8 3.62 -9.18 -8.52
N ASP D 9 4.01 -9.31 -7.25
CA ASP D 9 5.39 -9.36 -6.79
C ASP D 9 6.09 -8.01 -6.87
N PHE D 10 5.34 -6.91 -6.84
CA PHE D 10 5.90 -5.57 -6.67
C PHE D 10 5.71 -5.11 -5.23
N LEU D 11 6.67 -4.33 -4.74
CA LEU D 11 6.54 -3.62 -3.48
C LEU D 11 6.95 -2.18 -3.73
N TYR D 12 6.09 -1.24 -3.34
CA TYR D 12 6.36 0.18 -3.47
C TYR D 12 6.50 0.73 -2.05
N ALA D 13 7.73 1.11 -1.67
CA ALA D 13 7.96 1.73 -0.36
C ALA D 13 8.01 3.23 -0.59
N TYR D 14 6.86 3.87 -0.40
CA TYR D 14 6.76 5.31 -0.57
C TYR D 14 7.15 6.03 0.71
N SER D 15 7.83 7.18 0.55
CA SER D 15 8.25 7.95 1.71
C SER D 15 7.10 8.59 2.47
N THR D 16 5.94 8.76 1.85
CA THR D 16 4.87 9.55 2.45
C THR D 16 3.52 9.05 1.95
N ALA D 17 2.47 9.49 2.64
CA ALA D 17 1.10 9.08 2.34
C ALA D 17 0.63 9.70 1.03
N PRO D 18 -0.36 9.09 0.37
CA PRO D 18 -0.92 9.68 -0.86
C PRO D 18 -1.39 11.09 -0.63
N GLY D 19 -1.00 12.00 -1.52
CA GLY D 19 -1.46 13.38 -1.44
C GLY D 19 -0.54 14.30 -0.66
N TYR D 20 0.46 13.77 0.03
CA TYR D 20 1.24 14.56 0.98
C TYR D 20 2.62 14.91 0.44
N TYR D 21 3.12 16.05 0.89
CA TYR D 21 4.54 16.34 0.78
C TYR D 21 5.37 15.27 1.48
N SER D 22 6.65 15.22 1.13
CA SER D 22 7.65 14.39 1.79
C SER D 22 8.82 15.28 2.22
N TRP D 23 9.37 15.04 3.41
CA TRP D 23 10.30 15.97 4.05
C TRP D 23 11.75 15.53 3.91
N ARG D 24 12.63 16.51 3.68
CA ARG D 24 14.06 16.23 3.49
C ARG D 24 14.84 17.31 4.22
N ASN D 25 15.83 16.89 4.99
CA ASN D 25 16.71 17.84 5.67
C ASN D 25 17.90 18.14 4.78
N SER D 26 18.22 19.43 4.61
CA SER D 26 19.20 19.85 3.62
C SER D 26 20.61 19.36 3.90
N LYS D 27 20.92 18.93 5.13
CA LYS D 27 22.23 18.36 5.42
C LYS D 27 22.20 16.90 5.83
N ASP D 28 21.11 16.43 6.46
CA ASP D 28 21.06 15.06 6.97
C ASP D 28 20.39 14.08 6.01
N GLY D 29 19.75 14.57 4.96
CA GLY D 29 19.03 13.71 4.03
C GLY D 29 17.53 13.63 4.36
N SER D 30 16.83 12.84 3.56
CA SER D 30 15.38 12.76 3.74
C SER D 30 15.07 11.93 4.98
N TRP D 31 13.98 12.29 5.65
CA TRP D 31 13.59 11.53 6.84
C TRP D 31 13.43 10.04 6.53
N PHE D 32 12.79 9.73 5.41
CA PHE D 32 12.48 8.35 5.06
C PHE D 32 13.74 7.56 4.75
N ILE D 33 14.63 8.11 3.92
CA ILE D 33 15.81 7.33 3.52
C ILE D 33 16.76 7.16 4.70
N GLN D 34 16.95 8.22 5.50
CA GLN D 34 17.69 8.08 6.76
C GLN D 34 17.17 6.90 7.57
N SER D 35 15.84 6.85 7.77
CA SER D 35 15.26 5.82 8.62
C SER D 35 15.32 4.44 7.97
N LEU D 36 15.08 4.36 6.67
CA LEU D 36 15.14 3.09 5.96
C LEU D 36 16.53 2.45 6.07
N CYS D 37 17.57 3.25 5.86
CA CYS D 37 18.92 2.69 5.95
C CYS D 37 19.24 2.24 7.37
N ALA D 38 18.82 3.02 8.36
CA ALA D 38 19.05 2.65 9.76
C ALA D 38 18.35 1.34 10.11
N MET D 39 17.10 1.16 9.69
CA MET D 39 16.41 -0.07 10.04
C MET D 39 16.90 -1.27 9.23
N LEU D 40 17.31 -1.08 7.97
CA LEU D 40 17.91 -2.20 7.25
C LEU D 40 19.22 -2.62 7.89
N LYS D 41 20.06 -1.66 8.27
CA LYS D 41 21.32 -1.98 8.93
C LYS D 41 21.08 -2.76 10.23
N GLN D 42 20.08 -2.34 11.01
CA GLN D 42 19.81 -2.95 12.30
C GLN D 42 19.08 -4.28 12.18
N TYR D 43 18.15 -4.42 11.22
CA TYR D 43 17.21 -5.52 11.26
C TYR D 43 17.22 -6.47 10.06
N ALA D 44 18.03 -6.20 9.01
CA ALA D 44 17.94 -7.03 7.81
C ALA D 44 18.31 -8.49 8.05
N ASP D 45 19.04 -8.79 9.12
CA ASP D 45 19.35 -10.17 9.47
C ASP D 45 18.43 -10.73 10.54
N LYS D 46 17.33 -10.03 10.85
CA LYS D 46 16.48 -10.41 11.99
C LYS D 46 14.99 -10.47 11.63
N LEU D 47 14.56 -9.67 10.65
CA LEU D 47 13.15 -9.40 10.45
C LEU D 47 12.78 -9.56 8.99
N GLU D 48 11.54 -9.98 8.74
CA GLU D 48 11.00 -9.95 7.39
C GLU D 48 10.84 -8.51 6.91
N PHE D 49 10.93 -8.31 5.60
CA PHE D 49 11.02 -6.95 5.05
C PHE D 49 9.84 -6.08 5.43
N MET D 50 8.62 -6.65 5.49
CA MET D 50 7.48 -5.78 5.77
C MET D 50 7.55 -5.30 7.22
N HIS D 51 8.13 -6.14 8.08
CA HIS D 51 8.32 -5.78 9.47
C HIS D 51 9.43 -4.75 9.65
N ILE D 52 10.48 -4.84 8.81
CA ILE D 52 11.47 -3.76 8.77
C ILE D 52 10.83 -2.45 8.35
N LEU D 53 10.01 -2.48 7.29
CA LEU D 53 9.38 -1.24 6.82
C LEU D 53 8.40 -0.69 7.85
N THR D 54 7.78 -1.56 8.64
CA THR D 54 6.92 -1.09 9.72
C THR D 54 7.73 -0.35 10.78
N ARG D 55 8.93 -0.84 11.08
CA ARG D 55 9.81 -0.07 11.97
C ARG D 55 10.23 1.26 11.34
N VAL D 56 10.40 1.31 10.01
CA VAL D 56 10.67 2.58 9.37
C VAL D 56 9.49 3.54 9.54
N ASN D 57 8.27 3.04 9.34
CA ASN D 57 7.09 3.88 9.57
C ASN D 57 7.13 4.47 10.97
N ARG D 58 7.40 3.64 11.98
CA ARG D 58 7.37 4.12 13.35
C ARG D 58 8.47 5.15 13.59
N LYS D 59 9.66 4.91 13.03
CA LYS D 59 10.77 5.85 13.21
C LYS D 59 10.46 7.20 12.60
N VAL D 60 9.98 7.21 11.35
CA VAL D 60 9.65 8.48 10.70
C VAL D 60 8.51 9.18 11.46
N ALA D 61 7.51 8.43 11.89
CA ALA D 61 6.35 9.04 12.55
C ALA D 61 6.71 9.64 13.90
N THR D 62 7.67 9.07 14.62
CA THR D 62 7.89 9.48 16.00
C THR D 62 9.08 10.39 16.17
N GLU D 63 10.10 10.28 15.34
CA GLU D 63 11.37 10.94 15.62
C GLU D 63 11.61 12.21 14.84
N PHE D 64 10.70 12.58 13.93
CA PHE D 64 10.89 13.72 13.03
C PHE D 64 9.71 14.66 13.13
N GLU D 65 10.00 15.95 13.11
CA GLU D 65 8.97 16.99 13.04
C GLU D 65 9.63 18.21 12.40
N SER D 66 8.95 18.84 11.46
CA SER D 66 9.59 19.90 10.69
C SER D 66 9.74 21.17 11.53
N PHE D 67 10.74 21.98 11.14
CA PHE D 67 10.89 23.35 11.61
C PHE D 67 10.76 24.30 10.43
N SER D 68 9.94 25.33 10.57
CA SER D 68 9.88 26.38 9.57
C SER D 68 9.52 27.70 10.24
N PHE D 69 10.12 28.78 9.74
CA PHE D 69 9.67 30.11 10.12
C PHE D 69 8.33 30.45 9.50
N ASP D 70 7.94 29.72 8.45
CA ASP D 70 6.61 29.85 7.86
C ASP D 70 5.66 28.94 8.62
N ALA D 71 4.67 29.55 9.28
CA ALA D 71 3.76 28.76 10.11
C ALA D 71 3.03 27.69 9.31
N THR D 72 2.83 27.92 8.01
CA THR D 72 2.19 26.93 7.14
C THR D 72 2.97 25.61 7.12
N PHE D 73 4.30 25.67 7.25
CA PHE D 73 5.16 24.50 7.11
C PHE D 73 5.77 24.04 8.44
N HIS D 74 5.38 24.65 9.56
CA HIS D 74 6.06 24.38 10.82
C HIS D 74 5.39 23.28 11.62
N ALA D 75 6.22 22.45 12.26
CA ALA D 75 5.77 21.42 13.21
C ALA D 75 4.93 20.36 12.52
N LYS D 76 5.30 20.01 11.30
CA LYS D 76 4.57 19.01 10.54
C LYS D 76 5.21 17.64 10.64
N LYS D 77 4.41 16.61 10.33
CA LYS D 77 4.76 15.22 10.58
C LYS D 77 4.66 14.43 9.27
N GLN D 78 5.14 13.20 9.31
CA GLN D 78 5.16 12.39 8.10
C GLN D 78 4.98 10.92 8.46
N ILE D 79 4.18 10.21 7.65
CA ILE D 79 4.08 8.75 7.76
C ILE D 79 4.38 8.20 6.37
N PRO D 80 5.30 7.25 6.25
CA PRO D 80 5.52 6.57 4.97
C PRO D 80 4.37 5.63 4.66
N CYS D 81 4.42 5.06 3.47
CA CYS D 81 3.26 4.32 2.95
C CYS D 81 3.78 3.09 2.23
N ILE D 82 3.57 1.92 2.82
CA ILE D 82 4.02 0.65 2.26
C ILE D 82 2.92 0.12 1.38
N VAL D 83 3.21 -0.16 0.12
CA VAL D 83 2.21 -0.67 -0.81
C VAL D 83 2.73 -2.01 -1.32
N SER D 84 2.12 -3.10 -0.86
CA SER D 84 2.62 -4.44 -1.17
C SER D 84 1.67 -5.20 -2.07
N MET D 85 2.17 -5.54 -3.26
CA MET D 85 1.62 -6.62 -4.07
C MET D 85 2.49 -7.87 -4.03
N LEU D 86 3.28 -8.06 -2.97
CA LEU D 86 4.10 -9.26 -2.84
C LEU D 86 3.23 -10.47 -2.52
N THR D 87 3.67 -11.64 -2.96
CA THR D 87 2.95 -12.88 -2.70
C THR D 87 3.66 -13.79 -1.71
N LYS D 88 4.85 -13.39 -1.25
CA LYS D 88 5.63 -14.19 -0.32
C LYS D 88 6.37 -13.26 0.63
N GLU D 89 6.85 -13.85 1.71
CA GLU D 89 7.69 -13.13 2.66
C GLU D 89 9.07 -12.92 2.06
N LEU D 90 9.70 -11.82 2.44
CA LEU D 90 11.00 -11.44 1.87
C LEU D 90 12.01 -11.32 3.00
N TYR D 91 13.01 -12.20 3.01
CA TYR D 91 14.09 -12.14 4.00
C TYR D 91 15.40 -11.92 3.27
N PHE D 92 16.23 -11.01 3.80
CA PHE D 92 17.53 -10.77 3.22
C PHE D 92 18.57 -11.78 3.72
N TYR D 93 18.26 -12.53 4.78
CA TYR D 93 19.10 -13.55 5.36
C TYR D 93 18.52 -14.94 5.11
N HIS D 94 19.36 -15.95 5.21
CA HIS D 94 18.89 -17.32 5.05
C HIS D 94 18.97 -18.06 6.39
C ACE E 1 -20.86 -18.52 -11.49
O ACE E 1 -20.08 -19.14 -12.20
CH3 ACE E 1 -21.57 -19.14 -10.34
N VAL E 2 -21.13 -17.23 -11.71
CA VAL E 2 -20.50 -16.50 -12.81
C VAL E 2 -19.57 -15.40 -12.24
N ASP E 3 -18.55 -15.06 -13.01
CA ASP E 3 -17.56 -14.06 -12.62
C ASP E 3 -17.99 -12.69 -13.14
N ARG E 4 -17.94 -11.69 -12.26
CA ARG E 4 -18.36 -10.34 -12.60
C ARG E 4 -17.41 -9.34 -11.95
N VAL E 5 -17.28 -8.16 -12.56
CA VAL E 5 -16.37 -7.15 -12.02
C VAL E 5 -17.14 -6.16 -11.14
N ASA E 6 -16.46 -5.67 -10.11
CA ASA E 6 -16.94 -4.59 -9.22
C ASA E 6 -16.36 -3.23 -9.60
O ASA E 6 -16.70 -2.20 -8.98
CB ASA E 6 -16.58 -4.85 -7.79
CG ASA E 6 -17.54 -5.81 -7.09
OD1 ASA E 6 -18.73 -5.86 -7.49
OD2 ASA E 6 -17.10 -6.48 -6.14
C ACE F 1 18.86 22.22 8.12
O ACE F 1 18.31 22.18 9.22
CH3 ACE F 1 20.27 21.76 7.95
N VAL F 2 18.29 22.69 6.99
CA VAL F 2 16.94 23.19 6.90
C VAL F 2 16.00 22.09 6.38
N ASP F 3 14.76 22.08 6.87
CA ASP F 3 13.76 21.13 6.41
C ASP F 3 13.08 21.67 5.16
N ARG F 4 13.01 20.81 4.14
CA ARG F 4 12.47 21.19 2.84
C ARG F 4 11.53 20.08 2.40
N VAL F 5 10.57 20.42 1.55
CA VAL F 5 9.67 19.41 0.99
C VAL F 5 10.10 19.02 -0.42
N ASA F 6 9.86 17.74 -0.74
CA ASA F 6 10.12 17.16 -2.05
C ASA F 6 8.85 17.08 -2.89
O ASA F 6 8.88 16.70 -4.08
CB ASA F 6 10.70 15.76 -1.90
CG ASA F 6 12.21 15.75 -1.83
OD1 ASA F 6 12.83 16.70 -2.34
OD2 ASA F 6 12.77 14.80 -1.25
#